data_7WMN
#
_entry.id   7WMN
#
_cell.length_a   106.234
_cell.length_b   106.234
_cell.length_c   56.866
_cell.angle_alpha   90.000
_cell.angle_beta   90.000
_cell.angle_gamma   90.000
#
_symmetry.space_group_name_H-M   'P 43 21 2'
#
loop_
_entity.id
_entity.type
_entity.pdbx_description
1 polymer 'Isoform Beta-2 of Thyroid hormone receptor beta'
2 polymer 'Nuclear receptor coactivator 2'
3 non-polymer '2-[[7-[2,6-dimethyl-4-(3-methylphenyl)carbonyl-phenoxy]-1-methoxy-4-oxidanyl-isoquinolin-3-yl]carbonylamino]ethanoic acid'
4 water water
#
loop_
_entity_poly.entity_id
_entity_poly.type
_entity_poly.pdbx_seq_one_letter_code
_entity_poly.pdbx_strand_id
1 'polypeptide(L)'
;EELQKSIGHKPEPTDEEWELIKTVTEAHVATNAQGSHWKQKRKFLPEDIGQAPIVNAPEGGKVDLEAFSHFTKIITPAIT
RVVDFAKKLPMFCELPCEDQIILLKGCCMEIMSLRAAVRYDPESETLTLNGEMAVTRGQLKNGGLGVVSDAIFDLGMSLS
SFNLDDTEVALLQAVLLMSSDRPGLACVERIEKYQDSFLLAFEHYINYRKHHVTHFWPKLLMKVTDLRMIGACHASRFLH
MKVECPTELFPPLFLEVFED
;
A
2 'polypeptide(L)' ENALLRYLLDK B
#
# COMPACT_ATOMS: atom_id res chain seq x y z
N HIS A 9 19.78 -12.97 -20.21
CA HIS A 9 20.96 -13.26 -19.31
C HIS A 9 21.02 -12.33 -18.10
N LYS A 10 20.07 -11.41 -17.89
CA LYS A 10 20.01 -10.57 -16.66
C LYS A 10 19.71 -11.48 -15.49
N PRO A 11 20.23 -11.19 -14.28
CA PRO A 11 20.17 -12.15 -13.19
C PRO A 11 18.74 -12.47 -12.72
N GLU A 12 18.43 -13.76 -12.61
CA GLU A 12 17.12 -14.29 -12.14
C GLU A 12 17.28 -14.61 -10.65
N PRO A 13 16.20 -14.91 -9.90
CA PRO A 13 16.30 -14.97 -8.45
C PRO A 13 17.14 -16.15 -7.96
N THR A 14 17.89 -15.90 -6.89
CA THR A 14 18.62 -16.92 -6.10
C THR A 14 17.60 -17.74 -5.33
N ASP A 15 18.02 -18.85 -4.75
CA ASP A 15 17.11 -19.73 -3.98
C ASP A 15 16.62 -18.95 -2.75
N GLU A 16 17.50 -18.17 -2.13
CA GLU A 16 17.17 -17.41 -0.89
C GLU A 16 16.12 -16.35 -1.27
N GLU A 17 16.27 -15.77 -2.46
CA GLU A 17 15.35 -14.75 -3.00
C GLU A 17 13.97 -15.36 -3.32
N TRP A 18 13.95 -16.56 -3.90
CA TRP A 18 12.71 -17.33 -4.17
C TRP A 18 11.96 -17.60 -2.87
N GLU A 19 12.67 -17.89 -1.78
CA GLU A 19 12.03 -18.14 -0.47
C GLU A 19 11.44 -16.83 0.04
N LEU A 20 12.15 -15.74 -0.19
CA LEU A 20 11.70 -14.42 0.27
C LEU A 20 10.45 -14.03 -0.53
N ILE A 21 10.48 -14.32 -1.83
CA ILE A 21 9.35 -14.03 -2.76
C ILE A 21 8.12 -14.83 -2.31
N LYS A 22 8.31 -16.09 -1.89
CA LYS A 22 7.19 -16.92 -1.41
C LYS A 22 6.60 -16.28 -0.17
N THR A 23 7.46 -15.93 0.77
CA THR A 23 7.06 -15.37 2.08
C THR A 23 6.22 -14.10 1.85
N VAL A 24 6.73 -13.19 1.04
CA VAL A 24 6.11 -11.84 0.90
C VAL A 24 4.84 -11.98 0.03
N THR A 25 4.90 -12.78 -1.02
CA THR A 25 3.72 -13.00 -1.87
C THR A 25 2.58 -13.55 -1.01
N GLU A 26 2.84 -14.61 -0.25
CA GLU A 26 1.83 -15.25 0.62
C GLU A 26 1.29 -14.24 1.65
N ALA A 27 2.16 -13.43 2.24
CA ALA A 27 1.70 -12.40 3.19
C ALA A 27 0.70 -11.45 2.49
N HIS A 28 1.03 -10.99 1.28
CA HIS A 28 0.14 -10.10 0.48
C HIS A 28 -1.19 -10.77 0.18
N VAL A 29 -1.17 -11.99 -0.33
CA VAL A 29 -2.41 -12.71 -0.77
C VAL A 29 -3.31 -12.97 0.44
N ALA A 30 -2.75 -13.30 1.61
CA ALA A 30 -3.53 -13.63 2.81
C ALA A 30 -4.22 -12.36 3.37
N THR A 31 -3.77 -11.16 3.02
CA THR A 31 -4.24 -9.88 3.61
C THR A 31 -4.80 -8.96 2.53
N ASN A 32 -4.91 -9.44 1.29
CA ASN A 32 -5.54 -8.68 0.17
C ASN A 32 -7.03 -9.05 0.12
N ALA A 33 -7.93 -8.07 0.31
CA ALA A 33 -9.40 -8.26 0.40
C ALA A 33 -9.96 -9.00 -0.80
N GLN A 34 -10.69 -10.10 -0.58
CA GLN A 34 -11.43 -10.88 -1.61
C GLN A 34 -10.50 -11.12 -2.81
N GLY A 35 -9.22 -11.43 -2.55
CA GLY A 35 -8.22 -11.63 -3.62
C GLY A 35 -8.85 -12.29 -4.83
N SER A 36 -9.40 -13.50 -4.65
CA SER A 36 -10.19 -14.24 -5.68
C SER A 36 -11.46 -13.46 -6.01
N HIS A 37 -12.33 -13.25 -5.01
CA HIS A 37 -13.73 -12.80 -5.21
C HIS A 37 -13.88 -11.26 -5.14
N TRP A 38 -12.97 -10.45 -5.71
CA TRP A 38 -13.14 -8.96 -5.62
C TRP A 38 -13.97 -8.43 -6.81
N LYS A 39 -13.74 -8.93 -8.03
CA LYS A 39 -14.39 -8.41 -9.27
C LYS A 39 -15.93 -8.55 -9.16
N GLN A 40 -16.42 -9.63 -8.54
CA GLN A 40 -17.87 -9.99 -8.43
C GLN A 40 -18.50 -9.44 -7.12
N LYS A 41 -17.78 -9.45 -5.98
CA LYS A 41 -18.27 -8.92 -4.67
C LYS A 41 -18.31 -7.39 -4.69
N ARG A 42 -17.84 -6.80 -5.78
CA ARG A 42 -17.73 -5.33 -6.00
C ARG A 42 -19.10 -4.75 -6.35
N LYS A 43 -19.48 -3.70 -5.63
CA LYS A 43 -20.70 -2.87 -5.84
C LYS A 43 -20.27 -1.40 -6.00
N PHE A 44 -20.84 -0.73 -7.00
CA PHE A 44 -20.55 0.68 -7.34
C PHE A 44 -21.26 1.59 -6.34
N LEU A 45 -20.54 2.54 -5.74
CA LEU A 45 -21.11 3.58 -4.84
C LEU A 45 -21.92 4.58 -5.67
N PRO A 46 -23.18 4.89 -5.30
CA PRO A 46 -23.90 6.01 -5.91
C PRO A 46 -23.57 7.32 -5.18
N GLU A 47 -23.58 8.44 -5.92
CA GLU A 47 -23.29 9.81 -5.40
C GLU A 47 -22.49 9.75 -4.09
N ASP A 64 -19.98 15.46 0.45
CA ASP A 64 -18.75 15.82 1.22
C ASP A 64 -18.72 14.95 2.50
N LEU A 65 -19.27 15.46 3.61
CA LEU A 65 -19.23 14.76 4.93
C LEU A 65 -19.93 13.39 4.84
N GLU A 66 -20.84 13.18 3.88
CA GLU A 66 -21.58 11.90 3.72
C GLU A 66 -20.73 10.81 3.03
N ALA A 67 -19.97 11.14 1.99
CA ALA A 67 -18.98 10.19 1.40
C ALA A 67 -17.82 10.07 2.37
N PHE A 68 -17.48 11.16 3.07
CA PHE A 68 -16.55 11.16 4.23
C PHE A 68 -16.94 10.02 5.18
N SER A 69 -18.24 9.79 5.34
CA SER A 69 -18.82 8.74 6.23
C SER A 69 -18.57 7.32 5.68
N HIS A 70 -18.80 7.05 4.40
CA HIS A 70 -18.57 5.68 3.87
C HIS A 70 -17.07 5.43 3.76
N PHE A 71 -16.28 6.48 3.56
CA PHE A 71 -14.81 6.38 3.36
C PHE A 71 -14.10 6.25 4.71
N THR A 72 -14.68 6.82 5.76
CA THR A 72 -14.19 6.62 7.16
C THR A 72 -14.47 5.19 7.61
N LYS A 73 -15.65 4.66 7.29
CA LYS A 73 -16.08 3.34 7.82
C LYS A 73 -15.23 2.24 7.18
N ILE A 74 -14.55 2.51 6.07
CA ILE A 74 -13.81 1.44 5.34
C ILE A 74 -12.29 1.62 5.49
N ILE A 75 -11.83 2.80 5.91
CA ILE A 75 -10.38 3.07 6.07
C ILE A 75 -9.83 2.09 7.12
N THR A 76 -10.53 1.88 8.23
CA THR A 76 -10.02 1.14 9.41
C THR A 76 -9.73 -0.31 9.03
N PRO A 77 -10.61 -1.06 8.33
CA PRO A 77 -10.23 -2.40 7.91
C PRO A 77 -9.06 -2.38 6.91
N ALA A 78 -8.90 -1.31 6.13
CA ALA A 78 -7.79 -1.22 5.15
C ALA A 78 -6.46 -1.09 5.89
N ILE A 79 -6.42 -0.28 6.94
CA ILE A 79 -5.20 -0.09 7.79
C ILE A 79 -4.87 -1.44 8.40
N THR A 80 -5.87 -2.14 8.89
CA THR A 80 -5.71 -3.40 9.65
C THR A 80 -5.05 -4.43 8.72
N ARG A 81 -5.52 -4.53 7.49
CA ARG A 81 -4.94 -5.49 6.53
C ARG A 81 -3.48 -5.11 6.28
N VAL A 82 -3.17 -3.82 6.26
CA VAL A 82 -1.75 -3.45 6.08
C VAL A 82 -0.96 -3.94 7.30
N VAL A 83 -1.50 -3.77 8.50
CA VAL A 83 -0.82 -4.19 9.76
C VAL A 83 -0.57 -5.69 9.69
N ASP A 84 -1.58 -6.45 9.31
CA ASP A 84 -1.48 -7.92 9.12
C ASP A 84 -0.39 -8.27 8.11
N PHE A 85 -0.37 -7.60 6.96
CA PHE A 85 0.69 -7.84 5.94
C PHE A 85 2.06 -7.73 6.60
N ALA A 86 2.37 -6.58 7.21
CA ALA A 86 3.67 -6.36 7.91
C ALA A 86 3.95 -7.49 8.91
N LYS A 87 2.96 -7.85 9.73
CA LYS A 87 3.16 -8.86 10.81
C LYS A 87 3.47 -10.25 10.25
N LYS A 88 3.22 -10.53 8.97
CA LYS A 88 3.57 -11.84 8.37
C LYS A 88 4.94 -11.78 7.71
N LEU A 89 5.63 -10.64 7.74
CA LEU A 89 7.06 -10.56 7.29
C LEU A 89 7.97 -10.76 8.50
N PRO A 90 8.71 -11.88 8.58
CA PRO A 90 9.58 -12.14 9.72
C PRO A 90 10.61 -11.04 9.99
N MET A 91 11.09 -10.38 8.94
CA MET A 91 12.03 -9.23 9.06
C MET A 91 11.38 -8.12 9.86
N PHE A 92 10.12 -7.83 9.60
CA PHE A 92 9.37 -6.75 10.30
C PHE A 92 9.29 -7.12 11.78
N CYS A 93 9.03 -8.38 12.09
CA CYS A 93 8.80 -8.82 13.49
C CYS A 93 10.09 -8.75 14.32
N GLU A 94 11.27 -8.80 13.73
CA GLU A 94 12.53 -8.70 14.52
C GLU A 94 12.83 -7.24 14.87
N LEU A 95 12.09 -6.29 14.29
CA LEU A 95 12.26 -4.86 14.63
C LEU A 95 11.57 -4.58 15.96
N PRO A 96 12.10 -3.59 16.73
CA PRO A 96 11.42 -3.10 17.91
C PRO A 96 10.10 -2.41 17.56
N CYS A 97 9.09 -2.59 18.42
CA CYS A 97 7.68 -2.17 18.16
C CYS A 97 7.63 -0.67 17.83
N GLU A 98 8.50 0.14 18.43
CA GLU A 98 8.46 1.61 18.21
C GLU A 98 8.87 1.90 16.75
N ASP A 99 9.79 1.10 16.20
CA ASP A 99 10.17 1.15 14.77
C ASP A 99 9.03 0.63 13.87
N GLN A 100 8.37 -0.46 14.25
CA GLN A 100 7.20 -1.02 13.54
C GLN A 100 6.10 0.05 13.47
N ILE A 101 5.86 0.75 14.57
CA ILE A 101 4.85 1.82 14.63
C ILE A 101 5.24 2.86 13.59
N ILE A 102 6.49 3.32 13.59
CA ILE A 102 6.92 4.37 12.63
C ILE A 102 6.78 3.83 11.20
N LEU A 103 7.29 2.63 10.94
CA LEU A 103 7.21 2.06 9.57
C LEU A 103 5.76 1.94 9.11
N LEU A 104 4.85 1.47 9.96
CA LEU A 104 3.45 1.26 9.50
C LEU A 104 2.81 2.62 9.25
N LYS A 105 3.10 3.58 10.12
CA LYS A 105 2.57 4.96 9.95
C LYS A 105 3.05 5.53 8.62
N GLY A 106 4.29 5.27 8.24
CA GLY A 106 4.88 5.79 6.99
C GLY A 106 4.27 5.17 5.73
N CYS A 107 3.74 3.95 5.77
CA CYS A 107 3.48 3.21 4.51
C CYS A 107 2.04 2.76 4.34
N CYS A 108 1.16 2.84 5.35
CA CYS A 108 -0.25 2.41 5.19
C CYS A 108 -0.84 3.03 3.94
N MET A 109 -0.80 4.34 3.85
CA MET A 109 -1.57 5.05 2.81
C MET A 109 -0.93 4.78 1.44
N GLU A 110 0.39 4.62 1.41
CA GLU A 110 1.10 4.24 0.17
C GLU A 110 0.67 2.83 -0.25
N ILE A 111 0.62 1.89 0.67
CA ILE A 111 0.25 0.49 0.34
C ILE A 111 -1.24 0.43 -0.05
N MET A 112 -2.12 1.00 0.75
CA MET A 112 -3.59 1.07 0.45
C MET A 112 -3.81 1.72 -0.92
N SER A 113 -3.02 2.72 -1.26
CA SER A 113 -3.16 3.41 -2.55
C SER A 113 -2.77 2.44 -3.66
N LEU A 114 -1.65 1.76 -3.49
CA LEU A 114 -1.19 0.77 -4.47
C LEU A 114 -2.27 -0.31 -4.66
N ARG A 115 -2.78 -0.82 -3.54
CA ARG A 115 -3.75 -1.93 -3.52
C ARG A 115 -5.02 -1.51 -4.27
N ALA A 116 -5.38 -0.23 -4.20
CA ALA A 116 -6.54 0.30 -4.95
C ALA A 116 -6.18 0.52 -6.43
N ALA A 117 -4.98 1.00 -6.70
CA ALA A 117 -4.53 1.38 -8.06
C ALA A 117 -4.46 0.13 -8.95
N VAL A 118 -3.94 -0.98 -8.45
CA VAL A 118 -3.90 -2.25 -9.23
C VAL A 118 -5.32 -2.78 -9.46
N ARG A 119 -6.33 -2.22 -8.79
CA ARG A 119 -7.75 -2.63 -8.98
C ARG A 119 -8.50 -1.56 -9.76
N TYR A 120 -7.80 -0.87 -10.67
CA TYR A 120 -8.42 0.05 -11.65
C TYR A 120 -9.02 -0.79 -12.78
N ASP A 121 -10.29 -0.55 -13.10
CA ASP A 121 -10.99 -1.12 -14.28
C ASP A 121 -11.14 -0.02 -15.33
N PRO A 122 -10.40 -0.04 -16.46
CA PRO A 122 -10.53 1.02 -17.46
C PRO A 122 -11.99 1.19 -17.93
N GLU A 123 -12.73 0.08 -18.06
CA GLU A 123 -14.12 0.07 -18.58
C GLU A 123 -15.04 0.94 -17.72
N SER A 124 -15.04 0.75 -16.40
CA SER A 124 -15.90 1.51 -15.46
C SER A 124 -15.18 2.78 -14.98
N GLU A 125 -13.87 2.91 -15.28
CA GLU A 125 -12.98 4.00 -14.79
C GLU A 125 -13.15 4.13 -13.29
N THR A 126 -13.13 2.97 -12.61
CA THR A 126 -13.27 2.84 -11.14
C THR A 126 -12.01 2.21 -10.54
N LEU A 127 -11.84 2.47 -9.25
CA LEU A 127 -10.94 1.72 -8.36
C LEU A 127 -11.82 0.97 -7.39
N THR A 128 -11.36 -0.16 -6.89
CA THR A 128 -12.11 -0.92 -5.86
C THR A 128 -11.40 -0.78 -4.52
N LEU A 129 -12.17 -0.43 -3.50
CA LEU A 129 -11.67 -0.30 -2.13
C LEU A 129 -12.25 -1.45 -1.30
N ASN A 130 -11.39 -2.09 -0.49
CA ASN A 130 -11.79 -3.17 0.44
C ASN A 130 -12.35 -4.37 -0.31
N GLY A 131 -11.97 -4.57 -1.56
CA GLY A 131 -12.49 -5.64 -2.42
C GLY A 131 -13.99 -5.56 -2.66
N GLU A 132 -14.68 -4.45 -2.35
CA GLU A 132 -16.17 -4.41 -2.36
C GLU A 132 -16.75 -3.10 -2.92
N MET A 133 -16.11 -1.95 -2.71
CA MET A 133 -16.68 -0.65 -3.13
C MET A 133 -15.92 -0.12 -4.35
N ALA A 134 -16.60 0.03 -5.50
CA ALA A 134 -16.03 0.68 -6.71
C ALA A 134 -16.30 2.18 -6.60
N VAL A 135 -15.25 3.00 -6.66
CA VAL A 135 -15.41 4.47 -6.68
C VAL A 135 -14.84 5.02 -7.98
N THR A 136 -15.39 6.17 -8.36
CA THR A 136 -14.93 6.94 -9.54
C THR A 136 -13.97 8.00 -9.06
N ARG A 137 -13.32 8.64 -10.01
CA ARG A 137 -12.40 9.75 -9.73
C ARG A 137 -13.14 10.82 -8.90
N GLY A 138 -14.31 11.27 -9.37
CA GLY A 138 -15.07 12.36 -8.73
C GLY A 138 -15.50 11.99 -7.33
N GLN A 139 -16.00 10.77 -7.17
CA GLN A 139 -16.43 10.23 -5.85
C GLN A 139 -15.26 10.30 -4.87
N LEU A 140 -14.11 9.73 -5.22
CA LEU A 140 -12.97 9.69 -4.26
C LEU A 140 -12.54 11.12 -3.91
N LYS A 141 -12.55 12.03 -4.90
CA LYS A 141 -12.04 13.42 -4.80
C LYS A 141 -12.99 14.26 -3.95
N ASN A 142 -14.23 14.43 -4.41
CA ASN A 142 -15.31 15.08 -3.64
C ASN A 142 -15.46 14.35 -2.29
N GLY A 143 -15.20 13.05 -2.25
CA GLY A 143 -15.28 12.23 -1.03
C GLY A 143 -14.32 12.67 0.06
N GLY A 144 -13.26 13.42 -0.30
CA GLY A 144 -12.34 14.02 0.69
C GLY A 144 -10.85 13.92 0.36
N LEU A 145 -10.39 13.12 -0.61
CA LEU A 145 -8.94 12.99 -0.89
C LEU A 145 -8.41 14.18 -1.69
N GLY A 146 -9.27 14.88 -2.43
CA GLY A 146 -8.85 16.03 -3.26
C GLY A 146 -7.92 15.56 -4.36
N VAL A 147 -6.83 16.30 -4.58
CA VAL A 147 -5.96 16.09 -5.77
C VAL A 147 -5.29 14.71 -5.70
N VAL A 148 -5.20 14.11 -4.52
CA VAL A 148 -4.56 12.78 -4.31
C VAL A 148 -5.38 11.67 -5.00
N SER A 149 -6.70 11.84 -5.10
CA SER A 149 -7.60 10.96 -5.89
C SER A 149 -7.11 10.92 -7.35
N ASP A 150 -6.83 12.06 -7.95
CA ASP A 150 -6.24 12.17 -9.32
C ASP A 150 -4.90 11.44 -9.39
N ALA A 151 -4.05 11.58 -8.38
CA ALA A 151 -2.75 10.87 -8.27
C ALA A 151 -2.94 9.36 -8.24
N ILE A 152 -3.90 8.84 -7.45
CA ILE A 152 -4.10 7.37 -7.33
C ILE A 152 -4.73 6.81 -8.61
N PHE A 153 -5.66 7.53 -9.21
CA PHE A 153 -6.37 7.07 -10.43
C PHE A 153 -5.36 7.03 -11.60
N ASP A 154 -4.51 8.05 -11.69
CA ASP A 154 -3.52 8.16 -12.79
C ASP A 154 -2.43 7.09 -12.60
N LEU A 155 -2.13 6.72 -11.35
CA LEU A 155 -1.25 5.57 -11.08
C LEU A 155 -1.94 4.28 -11.56
N GLY A 156 -3.19 4.03 -11.19
CA GLY A 156 -3.94 2.87 -11.69
C GLY A 156 -3.90 2.78 -13.21
N MET A 157 -4.12 3.88 -13.90
CA MET A 157 -4.20 3.91 -15.38
C MET A 157 -2.85 3.50 -15.96
N SER A 158 -1.76 4.00 -15.37
CA SER A 158 -0.40 3.76 -15.90
C SER A 158 0.13 2.40 -15.43
N LEU A 159 -0.53 1.75 -14.46
CA LEU A 159 -0.11 0.41 -13.99
C LEU A 159 -0.76 -0.67 -14.85
N SER A 160 -1.74 -0.31 -15.69
CA SER A 160 -2.43 -1.31 -16.55
C SER A 160 -1.41 -2.03 -17.44
N SER A 161 -0.61 -1.30 -18.21
CA SER A 161 0.36 -1.90 -19.17
C SER A 161 1.53 -2.59 -18.44
N PHE A 162 1.68 -2.35 -17.13
CA PHE A 162 2.71 -2.97 -16.25
C PHE A 162 2.35 -4.43 -15.97
N ASN A 163 1.06 -4.78 -15.94
CA ASN A 163 0.58 -6.18 -15.75
C ASN A 163 1.18 -6.77 -14.47
N LEU A 164 1.16 -6.01 -13.39
CA LEU A 164 1.80 -6.46 -12.12
C LEU A 164 1.04 -7.66 -11.56
N ASP A 165 1.74 -8.76 -11.28
CA ASP A 165 1.16 -9.93 -10.58
C ASP A 165 1.27 -9.74 -9.06
N ASP A 166 0.70 -10.67 -8.31
CA ASP A 166 0.66 -10.63 -6.82
C ASP A 166 2.07 -10.48 -6.26
N THR A 167 3.05 -11.15 -6.88
CA THR A 167 4.43 -11.14 -6.38
C THR A 167 4.97 -9.71 -6.48
N GLU A 168 4.77 -9.08 -7.62
CA GLU A 168 5.36 -7.74 -7.85
C GLU A 168 4.71 -6.74 -6.89
N VAL A 169 3.41 -6.89 -6.59
CA VAL A 169 2.69 -5.96 -5.70
C VAL A 169 3.23 -6.19 -4.29
N ALA A 170 3.38 -7.45 -3.88
CA ALA A 170 3.88 -7.79 -2.54
C ALA A 170 5.25 -7.14 -2.34
N LEU A 171 6.10 -7.22 -3.35
CA LEU A 171 7.50 -6.73 -3.26
C LEU A 171 7.52 -5.21 -3.23
N LEU A 172 6.71 -4.56 -4.06
CA LEU A 172 6.48 -3.11 -3.93
C LEU A 172 6.05 -2.78 -2.49
N GLN A 173 5.07 -3.48 -1.94
CA GLN A 173 4.65 -3.23 -0.53
C GLN A 173 5.88 -3.42 0.39
N ALA A 174 6.62 -4.52 0.28
CA ALA A 174 7.76 -4.75 1.19
C ALA A 174 8.78 -3.59 1.08
N VAL A 175 8.97 -3.06 -0.12
CA VAL A 175 9.96 -1.99 -0.34
C VAL A 175 9.45 -0.72 0.36
N LEU A 176 8.17 -0.36 0.24
CA LEU A 176 7.64 0.84 0.91
C LEU A 176 7.68 0.64 2.43
N LEU A 177 7.24 -0.52 2.90
CA LEU A 177 7.27 -0.83 4.37
C LEU A 177 8.68 -0.54 4.93
N MET A 178 9.72 -1.05 4.28
CA MET A 178 11.12 -1.02 4.80
C MET A 178 11.83 0.24 4.30
N SER A 179 11.33 1.42 4.72
CA SER A 179 11.93 2.75 4.44
C SER A 179 12.71 3.22 5.64
N SER A 180 14.04 3.38 5.51
CA SER A 180 14.97 3.87 6.57
C SER A 180 14.79 5.37 6.86
N ASP A 181 14.35 6.15 5.86
CA ASP A 181 14.25 7.62 5.93
C ASP A 181 13.08 8.05 6.82
N ARG A 182 12.28 7.12 7.36
CA ARG A 182 11.16 7.50 8.27
C ARG A 182 11.72 8.18 9.52
N PRO A 183 11.15 9.33 9.94
CA PRO A 183 11.70 10.07 11.08
C PRO A 183 11.45 9.33 12.41
N GLY A 184 12.48 9.25 13.26
CA GLY A 184 12.41 8.72 14.63
C GLY A 184 12.90 7.27 14.72
N LEU A 185 13.35 6.69 13.62
CA LEU A 185 13.70 5.24 13.53
C LEU A 185 14.99 5.00 14.31
N ALA A 186 15.04 3.87 15.03
CA ALA A 186 16.22 3.38 15.78
C ALA A 186 17.10 2.55 14.86
N CYS A 187 16.57 1.49 14.26
CA CYS A 187 17.34 0.51 13.46
C CYS A 187 17.34 0.94 12.00
N VAL A 188 17.84 2.15 11.73
CA VAL A 188 17.86 2.73 10.37
C VAL A 188 18.60 1.80 9.42
N GLU A 189 19.65 1.13 9.86
CA GLU A 189 20.54 0.39 8.93
C GLU A 189 20.02 -1.04 8.78
N ARG A 190 19.51 -1.63 9.86
CA ARG A 190 18.85 -2.96 9.74
C ARG A 190 17.74 -2.86 8.72
N ILE A 191 17.02 -1.73 8.71
CA ILE A 191 15.83 -1.56 7.83
C ILE A 191 16.33 -1.47 6.40
N GLU A 192 17.38 -0.69 6.16
CA GLU A 192 17.93 -0.47 4.80
C GLU A 192 18.44 -1.79 4.26
N LYS A 193 19.04 -2.61 5.11
CA LYS A 193 19.48 -3.97 4.73
C LYS A 193 18.28 -4.82 4.28
N TYR A 194 17.18 -4.80 5.05
CA TYR A 194 15.95 -5.53 4.67
C TYR A 194 15.46 -5.02 3.32
N GLN A 195 15.41 -3.71 3.14
CA GLN A 195 14.90 -3.12 1.88
C GLN A 195 15.74 -3.61 0.70
N ASP A 196 17.07 -3.60 0.86
CA ASP A 196 18.03 -3.99 -0.19
C ASP A 196 17.82 -5.43 -0.59
N SER A 197 17.48 -6.29 0.36
CA SER A 197 17.08 -7.69 0.05
C SER A 197 15.85 -7.65 -0.86
N PHE A 198 14.77 -7.00 -0.43
CA PHE A 198 13.53 -6.98 -1.24
C PHE A 198 13.82 -6.39 -2.64
N LEU A 199 14.63 -5.33 -2.72
CA LEU A 199 14.93 -4.66 -4.01
C LEU A 199 15.69 -5.63 -4.91
N LEU A 200 16.74 -6.25 -4.40
CA LEU A 200 17.48 -7.21 -5.24
C LEU A 200 16.51 -8.32 -5.73
N ALA A 201 15.82 -9.00 -4.80
CA ALA A 201 14.91 -10.12 -5.13
C ALA A 201 13.84 -9.63 -6.11
N PHE A 202 13.42 -8.38 -5.96
CA PHE A 202 12.35 -7.83 -6.83
C PHE A 202 12.89 -7.64 -8.25
N GLU A 203 14.06 -7.03 -8.40
CA GLU A 203 14.69 -6.84 -9.73
C GLU A 203 14.88 -8.20 -10.41
N HIS A 204 15.35 -9.19 -9.66
CA HIS A 204 15.66 -10.51 -10.24
C HIS A 204 14.37 -11.14 -10.75
N TYR A 205 13.29 -11.04 -9.98
CA TYR A 205 11.95 -11.53 -10.39
C TYR A 205 11.56 -10.83 -11.69
N ILE A 206 11.80 -9.52 -11.78
CA ILE A 206 11.47 -8.69 -12.97
C ILE A 206 12.30 -9.17 -14.16
N ASN A 207 13.60 -9.37 -13.96
CA ASN A 207 14.47 -9.93 -15.02
C ASN A 207 13.87 -11.24 -15.50
N TYR A 208 13.42 -12.07 -14.56
CA TYR A 208 12.84 -13.40 -14.84
C TYR A 208 11.48 -13.28 -15.55
N ARG A 209 10.67 -12.29 -15.21
CA ARG A 209 9.28 -12.15 -15.71
C ARG A 209 9.29 -11.64 -17.15
N LYS A 210 10.33 -10.91 -17.54
CA LYS A 210 10.54 -10.43 -18.93
C LYS A 210 9.24 -9.77 -19.43
N HIS A 211 8.78 -8.75 -18.72
CA HIS A 211 7.68 -7.86 -19.19
C HIS A 211 8.07 -7.26 -20.55
N HIS A 212 7.10 -7.08 -21.43
CA HIS A 212 7.32 -6.49 -22.77
C HIS A 212 7.14 -4.98 -22.68
N VAL A 213 7.93 -4.35 -21.82
CA VAL A 213 7.92 -2.89 -21.56
C VAL A 213 9.39 -2.49 -21.39
N THR A 214 9.85 -1.51 -22.16
CA THR A 214 11.27 -1.10 -22.16
C THR A 214 11.59 -0.43 -20.82
N HIS A 215 12.76 -0.75 -20.25
CA HIS A 215 13.27 -0.12 -19.01
C HIS A 215 12.24 -0.31 -17.88
N PHE A 216 11.73 -1.53 -17.74
CA PHE A 216 10.65 -1.86 -16.78
C PHE A 216 11.13 -1.54 -15.37
N TRP A 217 12.37 -1.91 -15.04
CA TRP A 217 12.87 -1.74 -13.65
C TRP A 217 12.97 -0.25 -13.36
N PRO A 218 13.70 0.57 -14.14
CA PRO A 218 13.73 2.01 -13.88
C PRO A 218 12.33 2.60 -13.72
N LYS A 219 11.38 2.14 -14.54
CA LYS A 219 9.99 2.68 -14.53
C LYS A 219 9.27 2.27 -13.22
N LEU A 220 9.47 1.04 -12.75
CA LEU A 220 8.86 0.62 -11.45
C LEU A 220 9.45 1.44 -10.30
N LEU A 221 10.71 1.85 -10.39
CA LEU A 221 11.29 2.64 -9.30
C LEU A 221 10.61 4.01 -9.28
N MET A 222 10.21 4.53 -10.45
CA MET A 222 9.50 5.83 -10.53
C MET A 222 8.10 5.68 -9.91
N LYS A 223 7.49 4.49 -10.02
CA LYS A 223 6.14 4.26 -9.45
C LYS A 223 6.29 4.25 -7.93
N VAL A 224 7.44 3.81 -7.45
CA VAL A 224 7.70 3.80 -6.00
C VAL A 224 7.71 5.26 -5.53
N THR A 225 8.38 6.14 -6.26
CA THR A 225 8.36 7.58 -5.95
C THR A 225 6.91 8.12 -6.02
N ASP A 226 6.13 7.71 -7.03
CA ASP A 226 4.73 8.18 -7.17
C ASP A 226 3.98 7.81 -5.88
N LEU A 227 4.16 6.59 -5.40
CA LEU A 227 3.44 6.17 -4.17
C LEU A 227 3.96 6.96 -2.97
N ARG A 228 5.24 7.29 -2.97
CA ARG A 228 5.81 8.01 -1.81
C ARG A 228 5.24 9.42 -1.76
N MET A 229 5.06 10.04 -2.91
CA MET A 229 4.36 11.35 -2.98
C MET A 229 2.92 11.21 -2.49
N ILE A 230 2.23 10.12 -2.78
CA ILE A 230 0.84 9.94 -2.29
C ILE A 230 0.86 9.84 -0.77
N GLY A 231 1.84 9.13 -0.23
CA GLY A 231 2.03 9.00 1.22
C GLY A 231 2.15 10.35 1.89
N ALA A 232 2.87 11.30 1.30
CA ALA A 232 3.17 12.62 1.93
C ALA A 232 2.02 13.63 1.73
N CYS A 233 1.22 13.53 0.69
CA CYS A 233 0.12 14.49 0.47
C CYS A 233 -1.06 14.16 1.39
N HIS A 234 -1.38 12.87 1.53
CA HIS A 234 -2.36 12.36 2.52
C HIS A 234 -2.03 12.91 3.89
N ALA A 235 -0.76 12.82 4.28
CA ALA A 235 -0.20 13.48 5.49
C ALA A 235 -0.52 14.99 5.43
N SER A 236 -0.05 15.69 4.40
CA SER A 236 -0.29 17.14 4.21
C SER A 236 -1.77 17.46 4.44
N ARG A 237 -2.68 16.75 3.77
CA ARG A 237 -4.14 17.08 3.73
C ARG A 237 -4.80 16.82 5.09
N PHE A 238 -4.40 15.75 5.79
CA PHE A 238 -4.89 15.43 7.16
C PHE A 238 -4.71 16.65 8.09
N LEU A 239 -3.54 17.27 8.07
CA LEU A 239 -3.26 18.54 8.81
C LEU A 239 -4.39 19.53 8.55
N HIS A 240 -4.72 19.75 7.28
CA HIS A 240 -5.67 20.79 6.77
C HIS A 240 -7.11 20.40 7.14
N MET A 241 -7.41 19.08 7.18
CA MET A 241 -8.76 18.50 7.42
C MET A 241 -9.17 18.66 8.89
N LYS A 242 -8.33 19.27 9.74
CA LYS A 242 -8.62 19.51 11.18
C LYS A 242 -8.59 21.00 11.52
N CYS A 245 -12.80 20.48 11.43
CA CYS A 245 -13.43 19.13 11.55
C CYS A 245 -12.90 18.42 12.77
N PRO A 246 -13.75 18.16 13.79
CA PRO A 246 -13.30 17.59 15.07
C PRO A 246 -12.75 16.17 14.87
N THR A 247 -11.80 15.77 15.71
CA THR A 247 -11.00 14.54 15.51
C THR A 247 -11.80 13.29 15.90
N GLU A 248 -12.73 13.40 16.85
CA GLU A 248 -13.58 12.24 17.22
C GLU A 248 -14.48 11.84 16.03
N LEU A 249 -14.56 12.66 14.98
CA LEU A 249 -15.31 12.33 13.74
C LEU A 249 -14.50 11.34 12.89
N PHE A 250 -13.17 11.39 12.98
CA PHE A 250 -12.27 10.47 12.26
C PHE A 250 -12.07 9.19 13.09
N PRO A 251 -12.04 8.01 12.45
CA PRO A 251 -11.88 6.75 13.15
C PRO A 251 -10.56 6.71 13.92
N PRO A 252 -10.54 6.07 15.10
CA PRO A 252 -9.35 6.06 15.94
C PRO A 252 -8.07 5.60 15.22
N LEU A 253 -8.10 4.46 14.54
CA LEU A 253 -6.86 3.85 13.97
C LEU A 253 -6.33 4.75 12.86
N PHE A 254 -7.23 5.37 12.09
CA PHE A 254 -6.85 6.34 11.05
C PHE A 254 -6.00 7.45 11.68
N LEU A 255 -6.46 8.02 12.79
CA LEU A 255 -5.74 9.13 13.47
C LEU A 255 -4.35 8.62 13.87
N GLU A 256 -4.26 7.38 14.37
CA GLU A 256 -2.96 6.82 14.79
C GLU A 256 -1.98 6.81 13.60
N VAL A 257 -2.44 6.52 12.37
CA VAL A 257 -1.57 6.33 11.17
C VAL A 257 -1.59 7.60 10.30
N PHE A 258 -2.08 8.72 10.83
CA PHE A 258 -2.39 9.98 10.10
C PHE A 258 -2.75 9.66 8.63
N GLU B 1 -2.14 7.23 22.21
CA GLU B 1 -0.74 7.48 21.69
C GLU B 1 -0.15 6.16 21.18
N ASN B 2 -0.58 5.79 19.98
CA ASN B 2 -0.24 4.53 19.26
C ASN B 2 -0.78 3.35 20.07
N ALA B 3 -1.71 3.58 20.98
CA ALA B 3 -2.18 2.52 21.91
C ALA B 3 -2.95 1.44 21.11
N LEU B 4 -3.75 1.84 20.12
CA LEU B 4 -4.52 0.87 19.32
C LEU B 4 -3.56 0.17 18.37
N LEU B 5 -2.67 0.95 17.75
CA LEU B 5 -1.66 0.39 16.82
C LEU B 5 -0.75 -0.56 17.60
N ARG B 6 -0.33 -0.15 18.79
CA ARG B 6 0.52 -0.97 19.69
C ARG B 6 -0.20 -2.28 20.01
N TYR B 7 -1.47 -2.22 20.42
CA TYR B 7 -2.27 -3.43 20.72
C TYR B 7 -2.26 -4.35 19.49
N LEU B 8 -2.64 -3.82 18.33
CA LEU B 8 -2.72 -4.65 17.09
C LEU B 8 -1.34 -5.24 16.75
N LEU B 9 -0.23 -4.54 17.05
CA LEU B 9 1.11 -5.07 16.72
C LEU B 9 1.49 -6.21 17.66
N ASP B 10 1.17 -6.11 18.96
CA ASP B 10 1.57 -7.11 20.00
C ASP B 10 0.44 -8.13 20.25
N LYS B 11 -0.16 -8.68 19.19
CA LYS B 11 -1.18 -9.76 19.28
C LYS B 11 -0.85 -10.84 18.24
#